data_6PGN
#
_entry.id   6PGN
#
_cell.length_a   116.662
_cell.length_b   116.662
_cell.length_c   43.681
_cell.angle_alpha   90.00
_cell.angle_beta   90.00
_cell.angle_gamma   120.00
#
_symmetry.space_group_name_H-M   'P 65'
#
loop_
_entity.id
_entity.type
_entity.pdbx_description
1 polymer PagF
2 non-polymer 'MAGNESIUM ION'
3 non-polymer 'GERANYL DIPHOSPHATE'
4 water water
#
_entity_poly.entity_id   1
_entity_poly.type   'polypeptide(L)'
_entity_poly.pdbx_seq_one_letter_code
;MIVNVIQKDRLKEQKLQFIRNHQQAFDVEPIYPLPLFEDFVTSIEGDCSLEASCKIESDKLIASRFLLFFEDKTQEWQKY
LHQSLTFFGLVENRVGVKINYSLLQQFLGSSFDFSKVTVLSAGIDLRNNLAESSLKMHIRIKDYPEKLDKAFALSDGAAD
GNYLKDFVNLIGFDFYFNGKSEIEIYAEVQEDDFFKPEINNLVWQHFPKTALQPLKASSLFATGLSKANNNPVLYYHLKN
RQDLTNYFKLNDTAQRVHSFYQHQDILPYMWVGTAQKELEKTRIENIRLYYYKSFKMESN
;
_entity_poly.pdbx_strand_id   A
#
# COMPACT_ATOMS: atom_id res chain seq x y z
N MET A 1 10.25 -4.74 -33.54
CA MET A 1 11.08 -3.83 -32.70
C MET A 1 10.44 -2.45 -32.57
N ILE A 2 10.02 -1.86 -33.70
CA ILE A 2 9.38 -0.53 -33.70
C ILE A 2 8.12 -0.49 -32.82
N VAL A 3 7.33 -1.57 -32.84
CA VAL A 3 6.16 -1.71 -31.95
C VAL A 3 6.56 -1.57 -30.48
N ASN A 4 7.68 -2.20 -30.08
CA ASN A 4 8.17 -2.15 -28.70
C ASN A 4 8.63 -0.75 -28.30
N VAL A 5 9.32 -0.07 -29.22
CA VAL A 5 9.79 1.32 -29.04
C VAL A 5 8.62 2.29 -28.80
N ILE A 6 7.58 2.19 -29.64
CA ILE A 6 6.36 3.00 -29.53
C ILE A 6 5.68 2.75 -28.18
N GLN A 7 5.55 1.46 -27.83
CA GLN A 7 4.88 1.04 -26.60
C GLN A 7 5.59 1.47 -25.32
N LYS A 8 6.92 1.38 -25.33
CA LYS A 8 7.74 1.82 -24.19
C LYS A 8 7.55 3.32 -23.92
N ASP A 9 7.58 4.13 -24.98
CA ASP A 9 7.33 5.57 -24.88
C ASP A 9 5.90 5.88 -24.39
N ARG A 10 4.93 5.13 -24.91
CA ARG A 10 3.52 5.27 -24.53
C ARG A 10 3.29 4.95 -23.04
N LEU A 11 3.82 3.81 -22.59
CA LEU A 11 3.68 3.39 -21.18
C LEU A 11 4.37 4.37 -20.22
N LYS A 12 5.54 4.88 -20.60
CA LYS A 12 6.26 5.89 -19.81
C LYS A 12 5.38 7.11 -19.53
N GLU A 13 4.76 7.64 -20.59
CA GLU A 13 3.90 8.82 -20.48
C GLU A 13 2.60 8.53 -19.72
N GLN A 14 2.02 7.36 -19.94
CA GLN A 14 0.79 6.94 -19.24
C GLN A 14 0.99 6.86 -17.73
N LYS A 15 2.16 6.35 -17.31
CA LYS A 15 2.52 6.29 -15.90
C LYS A 15 2.68 7.69 -15.27
N LEU A 16 3.41 8.56 -15.97
CA LEU A 16 3.56 9.95 -15.54
C LEU A 16 2.22 10.70 -15.48
N GLN A 17 1.34 10.42 -16.44
CA GLN A 17 0.01 11.05 -16.47
C GLN A 17 -0.86 10.61 -15.30
N PHE A 18 -0.83 9.33 -14.96
CA PHE A 18 -1.55 8.80 -13.79
C PHE A 18 -1.10 9.47 -12.49
N ILE A 19 0.20 9.64 -12.33
CA ILE A 19 0.80 10.31 -11.17
C ILE A 19 0.36 11.77 -11.14
N ARG A 20 0.49 12.43 -12.30
CA ARG A 20 0.18 13.86 -12.41
C ARG A 20 -1.30 14.15 -12.27
N ASN A 21 -2.17 13.27 -12.79
CA ASN A 21 -3.63 13.42 -12.62
C ASN A 21 -4.01 13.50 -11.14
N HIS A 22 -3.39 12.62 -10.35
CA HIS A 22 -3.59 12.54 -8.91
C HIS A 22 -3.03 13.77 -8.22
N GLN A 23 -1.76 14.07 -8.47
CA GLN A 23 -1.08 15.21 -7.85
C GLN A 23 -1.79 16.52 -8.16
N GLN A 24 -2.14 16.71 -9.43
CA GLN A 24 -2.76 17.96 -9.91
C GLN A 24 -4.19 18.17 -9.39
N ALA A 25 -4.87 17.08 -9.01
CA ALA A 25 -6.22 17.15 -8.43
C ALA A 25 -6.23 17.64 -6.99
N PHE A 26 -5.17 17.31 -6.25
CA PHE A 26 -5.16 17.47 -4.79
C PHE A 26 -4.07 18.38 -4.22
N ASP A 27 -2.96 18.54 -4.93
CA ASP A 27 -1.85 19.39 -4.49
C ASP A 27 -1.46 20.32 -5.63
N VAL A 28 -1.80 21.61 -5.50
CA VAL A 28 -1.50 22.61 -6.55
C VAL A 28 -0.01 22.63 -6.92
N GLU A 29 0.86 22.48 -5.91
CA GLU A 29 2.28 22.30 -6.13
C GLU A 29 2.70 20.86 -5.79
N PRO A 30 3.46 20.19 -6.69
CA PRO A 30 3.95 18.83 -6.34
C PRO A 30 4.87 18.89 -5.13
N ILE A 31 4.77 17.87 -4.26
CA ILE A 31 5.58 17.81 -3.05
C ILE A 31 6.95 17.22 -3.40
N TYR A 32 8.02 17.92 -3.03
CA TYR A 32 9.39 17.42 -3.21
C TYR A 32 9.64 16.22 -2.26
N PRO A 33 10.25 15.12 -2.73
CA PRO A 33 10.86 14.98 -4.05
C PRO A 33 10.10 14.04 -5.02
N LEU A 34 8.86 14.37 -5.34
CA LEU A 34 8.08 13.61 -6.34
C LEU A 34 8.82 13.29 -7.68
N PRO A 35 9.57 14.27 -8.27
CA PRO A 35 10.27 13.94 -9.54
C PRO A 35 11.23 12.74 -9.46
N LEU A 36 11.79 12.47 -8.29
CA LEU A 36 12.66 11.31 -8.09
C LEU A 36 11.89 10.00 -8.19
N PHE A 37 10.68 9.98 -7.63
CA PHE A 37 9.78 8.85 -7.79
C PHE A 37 9.36 8.68 -9.25
N GLU A 38 9.03 9.80 -9.91
CA GLU A 38 8.70 9.81 -11.34
C GLU A 38 9.82 9.21 -12.20
N ASP A 39 11.07 9.57 -11.91
CA ASP A 39 12.26 8.99 -12.58
C ASP A 39 12.35 7.47 -12.37
N PHE A 40 12.10 7.02 -11.14
CA PHE A 40 12.10 5.59 -10.80
C PHE A 40 11.04 4.83 -11.60
N VAL A 41 9.82 5.36 -11.63
CA VAL A 41 8.70 4.75 -12.35
C VAL A 41 9.02 4.64 -13.84
N THR A 42 9.61 5.70 -14.39
CA THR A 42 10.08 5.76 -15.80
C THR A 42 11.10 4.66 -16.11
N SER A 43 12.01 4.42 -15.17
CA SER A 43 13.12 3.47 -15.33
C SER A 43 12.67 2.00 -15.31
N ILE A 44 11.47 1.75 -14.82
CA ILE A 44 10.91 0.39 -14.80
C ILE A 44 10.21 0.14 -16.13
N GLU A 45 10.85 -0.66 -16.99
CA GLU A 45 10.37 -0.86 -18.36
C GLU A 45 9.41 -2.03 -18.57
N GLY A 46 9.39 -2.98 -17.64
CA GLY A 46 8.47 -4.11 -17.69
C GLY A 46 7.06 -3.74 -17.25
N ASP A 47 6.16 -4.73 -17.33
CA ASP A 47 4.77 -4.57 -16.87
C ASP A 47 4.71 -4.22 -15.39
N CYS A 48 3.84 -3.26 -15.06
CA CYS A 48 3.68 -2.85 -13.68
C CYS A 48 2.29 -2.27 -13.41
N SER A 49 2.01 -2.09 -12.12
CA SER A 49 0.85 -1.32 -11.68
C SER A 49 1.29 -0.17 -10.79
N LEU A 50 0.50 0.90 -10.78
CA LEU A 50 0.70 2.01 -9.85
C LEU A 50 -0.49 2.15 -8.94
N GLU A 51 -0.20 2.47 -7.68
CA GLU A 51 -1.19 2.83 -6.68
C GLU A 51 -1.09 4.33 -6.45
N ALA A 52 -2.23 5.03 -6.46
CA ALA A 52 -2.31 6.41 -5.97
C ALA A 52 -3.31 6.43 -4.83
N SER A 53 -2.95 7.10 -3.74
CA SER A 53 -3.81 7.06 -2.58
C SER A 53 -3.91 8.39 -1.84
N CYS A 54 -4.96 8.49 -1.04
CA CYS A 54 -5.22 9.66 -0.22
C CYS A 54 -5.48 9.19 1.19
N LYS A 55 -4.92 9.93 2.15
N LYS A 55 -4.87 9.89 2.15
CA LYS A 55 -5.15 9.70 3.57
CA LYS A 55 -5.16 9.73 3.56
C LYS A 55 -5.86 10.92 4.15
C LYS A 55 -5.95 10.94 4.00
N ILE A 56 -7.09 10.71 4.64
CA ILE A 56 -7.97 11.79 5.08
C ILE A 56 -7.99 11.78 6.61
N GLU A 57 -7.69 12.95 7.19
CA GLU A 57 -7.72 13.13 8.64
C GLU A 57 -8.59 14.36 8.90
N SER A 58 -9.87 14.11 9.14
CA SER A 58 -10.92 15.14 9.15
C SER A 58 -10.92 15.91 7.82
N ASP A 59 -10.53 17.19 7.85
CA ASP A 59 -10.44 17.99 6.63
C ASP A 59 -9.03 18.01 6.01
N LYS A 60 -8.07 17.36 6.66
CA LYS A 60 -6.70 17.30 6.12
C LYS A 60 -6.61 16.21 5.06
N LEU A 61 -6.11 16.60 3.89
CA LEU A 61 -5.93 15.68 2.77
C LEU A 61 -4.45 15.46 2.49
N ILE A 62 -4.03 14.21 2.60
CA ILE A 62 -2.63 13.83 2.35
C ILE A 62 -2.65 13.01 1.07
N ALA A 63 -2.02 13.54 0.03
CA ALA A 63 -2.20 12.98 -1.32
C ALA A 63 -0.93 12.72 -2.14
N SER A 64 0.25 12.92 -1.57
CA SER A 64 1.48 12.63 -2.34
C SER A 64 1.95 11.19 -2.04
N ARG A 65 1.05 10.25 -2.27
CA ARG A 65 1.22 8.85 -1.90
C ARG A 65 1.07 7.97 -3.14
N PHE A 66 2.17 7.29 -3.51
CA PHE A 66 2.22 6.46 -4.72
C PHE A 66 3.07 5.21 -4.46
N LEU A 67 2.69 4.11 -5.11
CA LEU A 67 3.44 2.87 -5.07
C LEU A 67 3.53 2.29 -6.48
N LEU A 68 4.69 1.72 -6.81
CA LEU A 68 4.84 0.89 -8.00
C LEU A 68 4.89 -0.58 -7.61
N PHE A 69 4.08 -1.40 -8.31
CA PHE A 69 4.07 -2.85 -8.14
C PHE A 69 4.76 -3.49 -9.33
N PHE A 70 5.79 -4.30 -9.07
CA PHE A 70 6.53 -4.99 -10.11
C PHE A 70 5.74 -6.21 -10.61
N GLU A 71 5.38 -6.20 -11.88
CA GLU A 71 4.44 -7.21 -12.37
C GLU A 71 4.88 -7.93 -13.64
N ASP A 72 6.14 -7.74 -14.03
CA ASP A 72 6.71 -8.44 -15.17
C ASP A 72 6.77 -9.93 -14.87
N LYS A 73 6.24 -10.75 -15.78
CA LYS A 73 6.02 -12.19 -15.53
C LYS A 73 7.30 -13.03 -15.37
N THR A 74 8.45 -12.39 -15.54
CA THR A 74 9.78 -13.01 -15.38
C THR A 74 10.12 -13.37 -13.93
N GLN A 75 9.39 -12.79 -12.97
CA GLN A 75 9.53 -13.08 -11.52
C GLN A 75 10.93 -12.76 -10.97
N GLU A 76 11.57 -11.73 -11.50
CA GLU A 76 12.94 -11.35 -11.12
C GLU A 76 12.97 -10.45 -9.87
N TRP A 77 12.49 -11.02 -8.76
CA TRP A 77 12.25 -10.29 -7.51
C TRP A 77 13.47 -9.63 -6.89
N GLN A 78 14.62 -10.30 -6.94
CA GLN A 78 15.87 -9.73 -6.43
C GLN A 78 16.30 -8.51 -7.25
N LYS A 79 16.18 -8.60 -8.58
CA LYS A 79 16.45 -7.47 -9.48
C LYS A 79 15.58 -6.26 -9.13
N TYR A 80 14.30 -6.50 -8.86
CA TYR A 80 13.35 -5.44 -8.52
C TYR A 80 13.63 -4.83 -7.14
N LEU A 81 14.05 -5.67 -6.20
CA LEU A 81 14.48 -5.21 -4.87
C LEU A 81 15.65 -4.24 -4.97
N HIS A 82 16.65 -4.61 -5.77
CA HIS A 82 17.83 -3.80 -5.97
C HIS A 82 17.54 -2.49 -6.73
N GLN A 83 16.63 -2.53 -7.70
CA GLN A 83 16.16 -1.33 -8.38
C GLN A 83 15.47 -0.36 -7.42
N SER A 84 14.63 -0.91 -6.56
CA SER A 84 13.93 -0.12 -5.53
C SER A 84 14.91 0.53 -4.54
N LEU A 85 15.87 -0.27 -4.07
CA LEU A 85 16.90 0.23 -3.15
C LEU A 85 17.84 1.25 -3.78
N THR A 86 18.13 1.10 -5.07
CA THR A 86 18.87 2.11 -5.85
C THR A 86 18.14 3.46 -5.83
N PHE A 87 16.83 3.42 -6.06
CA PHE A 87 15.96 4.59 -5.98
C PHE A 87 16.03 5.22 -4.57
N PHE A 88 15.92 4.37 -3.54
CA PHE A 88 16.00 4.82 -2.13
C PHE A 88 17.30 5.58 -1.85
N GLY A 89 18.42 5.03 -2.32
CA GLY A 89 19.75 5.66 -2.20
C GLY A 89 19.87 6.98 -2.95
N LEU A 90 19.22 7.05 -4.12
CA LEU A 90 19.13 8.28 -4.89
C LEU A 90 18.36 9.37 -4.13
N VAL A 91 17.27 8.98 -3.46
CA VAL A 91 16.55 9.87 -2.57
C VAL A 91 17.46 10.38 -1.45
N GLU A 92 18.20 9.47 -0.82
CA GLU A 92 19.15 9.81 0.25
C GLU A 92 20.15 10.87 -0.21
N ASN A 93 20.74 10.63 -1.38
CA ASN A 93 21.73 11.53 -1.98
C ASN A 93 21.17 12.92 -2.29
N ARG A 94 20.05 12.97 -2.99
CA ARG A 94 19.47 14.26 -3.43
C ARG A 94 18.91 15.09 -2.28
N VAL A 95 18.23 14.43 -1.35
CA VAL A 95 17.57 15.11 -0.24
C VAL A 95 18.55 15.41 0.92
N GLY A 96 19.63 14.63 0.98
CA GLY A 96 20.61 14.74 2.06
C GLY A 96 20.10 14.14 3.36
N VAL A 97 19.47 12.96 3.27
CA VAL A 97 19.04 12.20 4.44
C VAL A 97 19.69 10.81 4.45
N LYS A 98 19.70 10.17 5.62
CA LYS A 98 20.10 8.77 5.75
C LYS A 98 18.90 7.96 6.23
N ILE A 99 18.55 6.96 5.43
CA ILE A 99 17.47 6.02 5.73
C ILE A 99 17.98 4.90 6.66
N ASN A 100 17.10 4.47 7.57
CA ASN A 100 17.34 3.36 8.49
C ASN A 100 16.78 2.08 7.85
N TYR A 101 17.68 1.25 7.33
CA TYR A 101 17.31 0.01 6.63
C TYR A 101 17.23 -1.23 7.51
N SER A 102 17.45 -1.06 8.81
CA SER A 102 17.66 -2.21 9.73
C SER A 102 16.52 -3.23 9.79
N LEU A 103 15.27 -2.78 9.75
CA LEU A 103 14.14 -3.72 9.76
C LEU A 103 14.05 -4.56 8.49
N LEU A 104 14.30 -3.92 7.34
CA LEU A 104 14.38 -4.64 6.06
C LEU A 104 15.56 -5.63 6.03
N GLN A 105 16.71 -5.16 6.49
CA GLN A 105 17.94 -5.99 6.51
C GLN A 105 17.77 -7.25 7.36
N GLN A 106 17.21 -7.08 8.55
CA GLN A 106 16.94 -8.19 9.46
C GLN A 106 15.88 -9.14 8.92
N PHE A 107 14.87 -8.60 8.24
CA PHE A 107 13.84 -9.42 7.60
C PHE A 107 14.43 -10.26 6.48
N LEU A 108 15.22 -9.65 5.61
CA LEU A 108 15.83 -10.37 4.50
C LEU A 108 16.85 -11.38 5.03
N GLY A 109 17.56 -11.01 6.09
CA GLY A 109 18.63 -11.85 6.65
C GLY A 109 19.70 -12.08 5.61
N SER A 110 20.41 -13.21 5.72
CA SER A 110 21.51 -13.53 4.82
C SER A 110 21.19 -14.60 3.77
N SER A 111 19.99 -15.21 3.85
CA SER A 111 19.62 -16.30 2.92
C SER A 111 18.21 -16.18 2.35
N PHE A 112 17.81 -14.97 1.95
CA PHE A 112 16.43 -14.75 1.50
C PHE A 112 16.12 -15.53 0.23
N ASP A 113 15.04 -16.30 0.29
CA ASP A 113 14.59 -17.09 -0.85
C ASP A 113 13.61 -16.24 -1.66
N PHE A 114 14.11 -15.65 -2.74
CA PHE A 114 13.29 -14.76 -3.60
C PHE A 114 12.20 -15.48 -4.40
N SER A 115 12.33 -16.80 -4.57
CA SER A 115 11.29 -17.61 -5.22
C SER A 115 10.00 -17.68 -4.39
N LYS A 116 10.07 -17.29 -3.12
CA LYS A 116 8.89 -17.27 -2.25
C LYS A 116 8.15 -15.92 -2.24
N VAL A 117 8.66 -14.95 -3.00
CA VAL A 117 8.02 -13.63 -3.15
C VAL A 117 6.90 -13.71 -4.19
N THR A 118 5.73 -13.13 -3.88
CA THR A 118 4.62 -13.07 -4.85
C THR A 118 4.22 -11.64 -5.25
N VAL A 119 4.61 -10.66 -4.41
CA VAL A 119 4.36 -9.22 -4.66
C VAL A 119 5.57 -8.44 -4.15
N LEU A 120 6.01 -7.47 -4.94
CA LEU A 120 6.94 -6.46 -4.45
C LEU A 120 6.52 -5.08 -4.96
N SER A 121 6.37 -4.16 -4.02
CA SER A 121 6.06 -2.76 -4.34
C SER A 121 6.99 -1.80 -3.63
N ALA A 122 7.18 -0.63 -4.23
CA ALA A 122 8.03 0.41 -3.65
C ALA A 122 7.48 1.78 -3.98
N GLY A 123 7.61 2.70 -3.05
CA GLY A 123 7.08 4.05 -3.27
C GLY A 123 7.29 5.04 -2.15
N ILE A 124 6.34 5.96 -2.03
CA ILE A 124 6.50 7.20 -1.27
C ILE A 124 5.22 7.62 -0.55
N ASP A 125 5.40 8.35 0.56
CA ASP A 125 4.35 9.15 1.16
C ASP A 125 5.04 10.46 1.59
N LEU A 126 4.88 11.49 0.75
CA LEU A 126 5.67 12.72 0.87
C LEU A 126 4.91 13.84 1.56
N ARG A 127 5.61 14.56 2.42
CA ARG A 127 5.01 15.60 3.26
C ARG A 127 5.80 16.89 3.16
N ASN A 128 5.18 18.00 3.54
CA ASN A 128 5.87 19.30 3.57
C ASN A 128 6.92 19.39 4.68
N ASN A 129 6.75 18.59 5.73
CA ASN A 129 7.74 18.40 6.78
C ASN A 129 8.58 17.19 6.32
N LEU A 130 9.85 17.44 5.99
CA LEU A 130 10.77 16.37 5.55
C LEU A 130 10.80 15.16 6.49
N ALA A 131 10.90 15.42 7.79
CA ALA A 131 10.96 14.38 8.82
C ALA A 131 9.79 13.40 8.81
N GLU A 132 8.62 13.88 8.37
CA GLU A 132 7.40 13.06 8.31
C GLU A 132 7.22 12.34 6.96
N SER A 133 8.07 12.66 5.98
CA SER A 133 8.05 11.97 4.68
C SER A 133 8.64 10.58 4.84
N SER A 134 8.19 9.65 4.00
CA SER A 134 8.69 8.27 4.03
C SER A 134 8.81 7.64 2.66
N LEU A 135 9.75 6.69 2.58
CA LEU A 135 9.80 5.73 1.50
C LEU A 135 9.09 4.45 1.98
N LYS A 136 8.59 3.66 1.04
CA LYS A 136 7.74 2.52 1.37
C LYS A 136 8.13 1.29 0.55
N MET A 137 8.07 0.12 1.19
CA MET A 137 8.21 -1.16 0.49
C MET A 137 7.25 -2.18 1.09
N HIS A 138 6.69 -3.01 0.21
CA HIS A 138 5.91 -4.17 0.65
C HIS A 138 6.44 -5.42 -0.04
N ILE A 139 6.54 -6.51 0.73
CA ILE A 139 6.95 -7.81 0.22
C ILE A 139 5.90 -8.83 0.66
N ARG A 140 5.33 -9.54 -0.30
CA ARG A 140 4.40 -10.63 -0.01
C ARG A 140 5.12 -11.95 -0.18
N ILE A 141 5.03 -12.79 0.84
CA ILE A 141 5.70 -14.09 0.86
C ILE A 141 4.69 -15.24 0.94
N LYS A 142 5.08 -16.38 0.39
CA LYS A 142 4.23 -17.57 0.35
C LYS A 142 5.07 -18.77 0.78
N ASP A 143 4.53 -19.57 1.71
CA ASP A 143 5.16 -20.81 2.22
C ASP A 143 6.56 -20.54 2.81
N TYR A 144 6.66 -19.48 3.60
CA TYR A 144 7.93 -19.04 4.17
C TYR A 144 7.78 -18.76 5.68
N PRO A 145 7.41 -19.79 6.48
CA PRO A 145 7.08 -19.54 7.90
C PRO A 145 8.23 -18.98 8.75
N GLU A 146 9.48 -19.30 8.38
CA GLU A 146 10.69 -18.70 9.00
C GLU A 146 10.64 -17.17 8.96
N LYS A 147 10.22 -16.61 7.83
CA LYS A 147 10.20 -15.16 7.64
C LYS A 147 9.00 -14.49 8.30
N LEU A 148 7.90 -15.23 8.44
CA LEU A 148 6.76 -14.78 9.23
C LEU A 148 7.15 -14.65 10.69
N ASP A 149 7.88 -15.66 11.20
CA ASP A 149 8.40 -15.61 12.57
C ASP A 149 9.28 -14.38 12.80
N LYS A 150 10.17 -14.11 11.85
CA LYS A 150 11.09 -12.97 11.95
C LYS A 150 10.35 -11.63 11.93
N ALA A 151 9.40 -11.49 10.99
CA ALA A 151 8.56 -10.28 10.90
C ALA A 151 7.77 -10.00 12.19
N PHE A 152 7.21 -11.05 12.79
CA PHE A 152 6.49 -10.96 14.08
C PHE A 152 7.42 -10.52 15.21
N ALA A 153 8.64 -11.04 15.23
CA ALA A 153 9.68 -10.65 16.20
C ALA A 153 10.09 -9.18 16.02
N LEU A 154 10.23 -8.76 14.76
CA LEU A 154 10.59 -7.36 14.44
C LEU A 154 9.48 -6.35 14.76
N SER A 155 8.24 -6.83 14.86
CA SER A 155 7.06 -5.99 15.15
C SER A 155 7.06 -5.33 16.53
N ASP A 156 7.86 -5.89 17.46
CA ASP A 156 8.02 -5.36 18.82
C ASP A 156 6.67 -5.29 19.56
N GLY A 157 5.91 -6.38 19.48
CA GLY A 157 4.64 -6.52 20.18
C GLY A 157 3.39 -6.14 19.41
N ALA A 158 3.57 -5.54 18.24
CA ALA A 158 2.45 -5.05 17.42
C ALA A 158 1.64 -6.20 16.80
N ALA A 159 2.34 -7.20 16.28
CA ALA A 159 1.73 -8.39 15.74
C ALA A 159 1.34 -9.31 16.90
N ASP A 160 0.07 -9.17 17.31
CA ASP A 160 -0.51 -9.67 18.57
C ASP A 160 -0.10 -11.11 18.99
N GLY A 161 -0.74 -12.12 18.40
CA GLY A 161 -0.49 -13.52 18.76
C GLY A 161 0.08 -14.33 17.61
N ASN A 162 0.60 -15.52 17.95
CA ASN A 162 1.17 -16.44 16.97
C ASN A 162 0.13 -17.20 16.12
N TYR A 163 -1.14 -17.14 16.54
CA TYR A 163 -2.28 -17.65 15.75
C TYR A 163 -2.52 -16.81 14.49
N LEU A 164 -2.07 -15.57 14.50
CA LEU A 164 -2.18 -14.65 13.36
C LEU A 164 -1.30 -15.01 12.17
N LYS A 165 -0.24 -15.81 12.41
CA LYS A 165 0.70 -16.27 11.38
C LYS A 165 0.01 -17.02 10.24
N ASP A 166 -1.08 -17.72 10.60
CA ASP A 166 -2.03 -18.35 9.68
C ASP A 166 -2.55 -17.38 8.61
N PHE A 167 -2.64 -16.10 8.97
CA PHE A 167 -3.30 -15.10 8.14
C PHE A 167 -2.36 -14.12 7.41
N VAL A 168 -1.06 -14.20 7.72
CA VAL A 168 -0.08 -13.19 7.26
C VAL A 168 0.66 -13.61 5.99
N ASN A 169 0.64 -12.73 5.00
CA ASN A 169 1.39 -12.92 3.76
C ASN A 169 2.17 -11.66 3.41
N LEU A 170 1.53 -10.50 3.53
CA LEU A 170 2.18 -9.22 3.22
C LEU A 170 2.90 -8.61 4.42
N ILE A 171 4.14 -8.18 4.17
CA ILE A 171 4.96 -7.48 5.16
C ILE A 171 5.29 -6.10 4.58
N GLY A 172 5.03 -5.05 5.37
CA GLY A 172 5.29 -3.69 4.94
C GLY A 172 6.43 -3.02 5.68
N PHE A 173 7.15 -2.14 4.98
CA PHE A 173 8.27 -1.40 5.55
C PHE A 173 8.13 0.07 5.21
N ASP A 174 8.17 0.91 6.24
CA ASP A 174 8.19 2.37 6.09
C ASP A 174 9.53 2.93 6.57
N PHE A 175 10.07 3.86 5.79
CA PHE A 175 11.41 4.40 6.01
C PHE A 175 11.29 5.93 6.05
N TYR A 176 11.21 6.50 7.24
CA TYR A 176 11.03 7.95 7.38
C TYR A 176 12.34 8.70 7.17
N PHE A 177 12.23 9.92 6.62
CA PHE A 177 13.41 10.71 6.24
C PHE A 177 14.25 11.15 7.45
N ASN A 178 13.66 11.09 8.65
CA ASN A 178 14.37 11.41 9.90
C ASN A 178 15.17 10.25 10.48
N GLY A 179 15.20 9.12 9.76
CA GLY A 179 15.89 7.92 10.20
C GLY A 179 15.09 6.97 11.09
N LYS A 180 13.81 7.28 11.32
CA LYS A 180 12.91 6.35 12.01
C LYS A 180 12.32 5.37 10.99
N SER A 181 12.26 4.09 11.33
CA SER A 181 11.66 3.09 10.44
C SER A 181 10.68 2.19 11.17
N GLU A 182 9.71 1.66 10.41
CA GLU A 182 8.63 0.84 10.95
C GLU A 182 8.39 -0.41 10.10
N ILE A 183 7.87 -1.46 10.73
CA ILE A 183 7.40 -2.67 10.05
C ILE A 183 5.89 -2.81 10.32
N GLU A 184 5.18 -3.36 9.33
CA GLU A 184 3.75 -3.64 9.46
C GLU A 184 3.45 -5.07 8.98
N ILE A 185 2.62 -5.74 9.76
CA ILE A 185 2.16 -7.10 9.51
C ILE A 185 0.68 -7.04 9.11
N TYR A 186 0.34 -7.64 7.97
CA TYR A 186 -1.03 -7.63 7.48
C TYR A 186 -1.65 -9.03 7.53
N ALA A 187 -2.66 -9.20 8.38
CA ALA A 187 -3.40 -10.45 8.51
C ALA A 187 -4.64 -10.37 7.62
N GLU A 188 -4.76 -11.30 6.68
CA GLU A 188 -5.83 -11.25 5.68
C GLU A 188 -6.80 -12.45 5.69
N VAL A 189 -8.02 -12.19 5.24
CA VAL A 189 -9.01 -13.24 4.99
C VAL A 189 -9.54 -13.07 3.56
N GLN A 190 -9.43 -14.14 2.79
CA GLN A 190 -9.93 -14.21 1.41
C GLN A 190 -11.43 -14.46 1.40
N GLU A 191 -12.10 -13.93 0.37
CA GLU A 191 -13.53 -14.04 0.17
C GLU A 191 -14.09 -15.47 0.27
N ASP A 192 -13.36 -16.44 -0.29
CA ASP A 192 -13.77 -17.85 -0.24
C ASP A 192 -13.89 -18.42 1.17
N ASP A 193 -13.27 -17.75 2.15
CA ASP A 193 -13.29 -18.17 3.55
C ASP A 193 -14.26 -17.39 4.47
N PHE A 194 -14.89 -16.33 3.95
CA PHE A 194 -15.74 -15.42 4.75
C PHE A 194 -16.82 -16.13 5.57
N PHE A 195 -17.42 -17.17 5.01
CA PHE A 195 -18.57 -17.86 5.65
C PHE A 195 -18.22 -19.15 6.39
N LYS A 196 -16.93 -19.46 6.46
CA LYS A 196 -16.43 -20.65 7.16
C LYS A 196 -16.47 -20.46 8.68
N PRO A 197 -16.91 -21.51 9.42
CA PRO A 197 -16.99 -21.45 10.89
C PRO A 197 -15.67 -21.13 11.60
N GLU A 198 -14.55 -21.63 11.08
CA GLU A 198 -13.21 -21.36 11.65
C GLU A 198 -12.88 -19.88 11.64
N ILE A 199 -13.32 -19.18 10.59
CA ILE A 199 -13.07 -17.74 10.43
C ILE A 199 -13.96 -16.94 11.38
N ASN A 200 -15.22 -17.39 11.55
CA ASN A 200 -16.12 -16.77 12.52
C ASN A 200 -15.53 -16.87 13.94
N ASN A 201 -14.96 -18.03 14.27
CA ASN A 201 -14.37 -18.27 15.60
C ASN A 201 -13.05 -17.51 15.84
N LEU A 202 -12.15 -17.54 14.86
CA LEU A 202 -10.82 -16.92 15.01
C LEU A 202 -10.80 -15.43 14.72
N VAL A 203 -11.69 -14.98 13.84
CA VAL A 203 -11.68 -13.59 13.35
C VAL A 203 -12.97 -12.81 13.65
N TRP A 204 -14.08 -13.15 12.98
CA TRP A 204 -15.29 -12.31 12.93
C TRP A 204 -15.94 -11.95 14.28
N GLN A 205 -15.94 -12.90 15.23
CA GLN A 205 -16.54 -12.69 16.55
C GLN A 205 -15.82 -11.64 17.43
N HIS A 206 -14.57 -11.34 17.09
CA HIS A 206 -13.78 -10.33 17.78
C HIS A 206 -13.93 -8.92 17.20
N PHE A 207 -14.83 -8.80 16.21
CA PHE A 207 -15.15 -7.52 15.58
C PHE A 207 -16.62 -7.16 15.80
N PRO A 208 -16.94 -5.84 15.90
CA PRO A 208 -18.35 -5.43 15.93
C PRO A 208 -19.05 -5.70 14.61
N LYS A 209 -20.38 -5.68 14.63
CA LYS A 209 -21.21 -5.87 13.43
C LYS A 209 -20.91 -4.89 12.30
N THR A 210 -20.60 -3.63 12.65
CA THR A 210 -20.26 -2.59 11.67
C THR A 210 -19.01 -2.89 10.85
N ALA A 211 -18.07 -3.61 11.45
CA ALA A 211 -16.83 -4.03 10.77
C ALA A 211 -17.08 -5.14 9.74
N LEU A 212 -18.18 -5.88 9.92
CA LEU A 212 -18.53 -7.01 9.03
C LEU A 212 -19.34 -6.59 7.81
N GLN A 213 -20.03 -5.46 7.89
CA GLN A 213 -20.94 -5.05 6.80
C GLN A 213 -20.28 -4.84 5.41
N PRO A 214 -19.09 -4.19 5.34
CA PRO A 214 -18.48 -4.00 4.01
C PRO A 214 -17.94 -5.28 3.35
N LEU A 215 -17.86 -6.38 4.11
CA LEU A 215 -17.45 -7.69 3.56
C LEU A 215 -18.30 -8.15 2.38
N LYS A 216 -19.58 -7.76 2.40
CA LYS A 216 -20.55 -7.97 1.32
C LYS A 216 -20.06 -7.48 -0.05
N ALA A 217 -19.24 -6.43 -0.05
CA ALA A 217 -18.74 -5.81 -1.28
C ALA A 217 -17.25 -6.08 -1.54
N SER A 218 -16.63 -6.88 -0.67
CA SER A 218 -15.18 -7.07 -0.66
C SER A 218 -14.73 -8.44 -1.16
N SER A 219 -13.59 -8.47 -1.85
CA SER A 219 -12.95 -9.72 -2.27
C SER A 219 -11.91 -10.20 -1.26
N LEU A 220 -11.53 -9.32 -0.34
CA LEU A 220 -10.45 -9.57 0.62
C LEU A 220 -10.59 -8.61 1.78
N PHE A 221 -10.29 -9.12 2.98
CA PHE A 221 -10.26 -8.33 4.21
C PHE A 221 -8.87 -8.47 4.82
N ALA A 222 -8.39 -7.39 5.45
CA ALA A 222 -7.11 -7.42 6.14
C ALA A 222 -7.05 -6.45 7.32
N THR A 223 -6.18 -6.75 8.28
CA THR A 223 -5.90 -5.82 9.36
C THR A 223 -4.40 -5.56 9.41
N GLY A 224 -4.04 -4.27 9.39
CA GLY A 224 -2.66 -3.83 9.41
C GLY A 224 -2.24 -3.57 10.83
N LEU A 225 -1.21 -4.30 11.27
CA LEU A 225 -0.70 -4.25 12.63
C LEU A 225 0.71 -3.67 12.66
N SER A 226 0.86 -2.55 13.35
CA SER A 226 2.15 -1.83 13.46
C SER A 226 2.12 -0.92 14.68
N LYS A 227 3.27 -0.78 15.36
CA LYS A 227 3.37 0.16 16.48
C LYS A 227 3.27 1.63 16.03
N ALA A 228 3.46 1.87 14.73
CA ALA A 228 3.20 3.17 14.10
C ALA A 228 1.70 3.50 14.03
N ASN A 229 0.85 2.47 14.05
CA ASN A 229 -0.60 2.64 14.03
C ASN A 229 -1.15 2.98 15.43
N ASN A 230 -1.98 4.02 15.51
CA ASN A 230 -2.68 4.36 16.75
C ASN A 230 -3.70 3.28 17.10
N ASN A 231 -4.41 2.81 16.08
CA ASN A 231 -5.33 1.67 16.18
C ASN A 231 -5.06 0.70 15.02
N PRO A 232 -5.40 -0.61 15.19
CA PRO A 232 -5.33 -1.52 14.04
C PRO A 232 -6.14 -0.98 12.87
N VAL A 233 -5.56 -1.02 11.67
CA VAL A 233 -6.23 -0.48 10.47
C VAL A 233 -6.94 -1.62 9.75
N LEU A 234 -8.25 -1.49 9.59
CA LEU A 234 -9.05 -2.46 8.86
C LEU A 234 -9.04 -2.10 7.38
N TYR A 235 -8.76 -3.10 6.55
CA TYR A 235 -8.65 -2.93 5.11
C TYR A 235 -9.68 -3.76 4.36
N TYR A 236 -10.37 -3.14 3.42
CA TYR A 236 -11.38 -3.81 2.60
C TYR A 236 -11.04 -3.61 1.13
N HIS A 237 -10.94 -4.74 0.41
CA HIS A 237 -10.65 -4.72 -1.02
C HIS A 237 -11.98 -4.76 -1.77
N LEU A 238 -12.52 -3.57 -2.04
CA LEU A 238 -13.78 -3.44 -2.76
C LEU A 238 -13.61 -3.87 -4.20
N LYS A 239 -14.49 -4.76 -4.64
CA LYS A 239 -14.52 -5.24 -6.03
C LYS A 239 -14.78 -4.11 -7.02
N ASN A 240 -15.65 -3.18 -6.63
CA ASN A 240 -15.99 -2.04 -7.46
C ASN A 240 -15.94 -0.77 -6.64
N ARG A 241 -15.09 0.17 -7.08
CA ARG A 241 -14.85 1.45 -6.38
C ARG A 241 -16.13 2.28 -6.24
N GLN A 242 -17.10 2.05 -7.13
CA GLN A 242 -18.40 2.70 -7.10
C GLN A 242 -19.21 2.37 -5.82
N ASP A 243 -18.87 1.24 -5.18
CA ASP A 243 -19.56 0.80 -3.95
C ASP A 243 -19.09 1.47 -2.66
N LEU A 244 -18.04 2.30 -2.75
CA LEU A 244 -17.47 2.98 -1.58
C LEU A 244 -18.53 3.68 -0.73
N THR A 245 -19.33 4.54 -1.37
CA THR A 245 -20.33 5.36 -0.67
C THR A 245 -21.49 4.55 -0.09
N ASN A 246 -21.77 3.39 -0.68
CA ASN A 246 -22.80 2.48 -0.18
C ASN A 246 -22.44 1.77 1.13
N TYR A 247 -21.14 1.63 1.40
CA TYR A 247 -20.67 0.86 2.55
C TYR A 247 -19.90 1.64 3.61
N PHE A 248 -19.41 2.81 3.22
CA PHE A 248 -18.63 3.66 4.10
C PHE A 248 -19.27 5.05 4.10
N LYS A 249 -19.50 5.60 5.28
CA LYS A 249 -20.14 6.90 5.44
C LYS A 249 -19.07 7.99 5.39
N LEU A 250 -18.91 8.62 4.22
CA LEU A 250 -17.77 9.51 3.96
C LEU A 250 -18.00 10.95 4.41
N ASN A 251 -16.93 11.58 4.88
CA ASN A 251 -16.94 13.03 5.14
C ASN A 251 -16.71 13.77 3.82
N ASP A 252 -16.75 15.11 3.87
CA ASP A 252 -16.65 15.93 2.65
C ASP A 252 -15.34 15.77 1.90
N THR A 253 -14.23 15.67 2.63
CA THR A 253 -12.89 15.49 2.04
C THR A 253 -12.77 14.15 1.29
N ALA A 254 -13.22 13.06 1.92
CA ALA A 254 -13.19 11.74 1.28
C ALA A 254 -14.12 11.64 0.07
N GLN A 255 -15.30 12.27 0.18
CA GLN A 255 -16.27 12.37 -0.93
C GLN A 255 -15.65 13.06 -2.15
N ARG A 256 -14.87 14.12 -1.91
CA ARG A 256 -14.13 14.82 -2.96
C ARG A 256 -13.21 13.87 -3.75
N VAL A 257 -12.44 13.06 -3.02
CA VAL A 257 -11.53 12.05 -3.60
C VAL A 257 -12.34 10.99 -4.38
N HIS A 258 -13.38 10.46 -3.74
CA HIS A 258 -14.31 9.50 -4.36
C HIS A 258 -14.86 10.05 -5.69
N SER A 259 -15.39 11.27 -5.66
CA SER A 259 -15.96 11.93 -6.84
C SER A 259 -14.97 12.07 -7.98
N PHE A 260 -13.74 12.49 -7.65
CA PHE A 260 -12.69 12.62 -8.66
C PHE A 260 -12.46 11.28 -9.38
N TYR A 261 -12.40 10.19 -8.62
CA TYR A 261 -12.01 8.89 -9.17
C TYR A 261 -13.10 8.06 -9.85
N GLN A 262 -14.36 8.46 -9.69
CA GLN A 262 -15.49 7.73 -10.31
C GLN A 262 -15.37 7.52 -11.80
N HIS A 263 -14.88 8.54 -12.51
CA HIS A 263 -14.83 8.51 -13.97
C HIS A 263 -13.42 8.63 -14.58
N GLN A 264 -12.41 8.39 -13.75
CA GLN A 264 -11.02 8.29 -14.22
C GLN A 264 -10.81 6.92 -14.88
N ASP A 265 -9.87 6.86 -15.83
CA ASP A 265 -9.57 5.61 -16.52
C ASP A 265 -8.62 4.75 -15.68
N ILE A 266 -9.21 4.11 -14.67
CA ILE A 266 -8.47 3.34 -13.68
C ILE A 266 -9.11 1.96 -13.53
N LEU A 267 -8.45 1.07 -12.78
CA LEU A 267 -8.95 -0.27 -12.48
C LEU A 267 -10.25 -0.23 -11.66
N PRO A 268 -11.13 -1.26 -11.83
CA PRO A 268 -12.43 -1.26 -11.14
C PRO A 268 -12.36 -1.36 -9.61
N TYR A 269 -11.37 -2.09 -9.09
CA TYR A 269 -11.27 -2.32 -7.66
C TYR A 269 -10.52 -1.20 -6.93
N MET A 270 -10.66 -1.17 -5.61
CA MET A 270 -9.92 -0.25 -4.74
C MET A 270 -9.70 -0.89 -3.38
N TRP A 271 -8.81 -0.31 -2.58
CA TRP A 271 -8.70 -0.65 -1.18
C TRP A 271 -9.20 0.52 -0.34
N VAL A 272 -9.81 0.19 0.80
CA VAL A 272 -10.25 1.16 1.80
C VAL A 272 -9.63 0.78 3.13
N GLY A 273 -9.01 1.75 3.80
CA GLY A 273 -8.41 1.54 5.11
C GLY A 273 -8.97 2.49 6.15
N THR A 274 -9.44 1.92 7.27
CA THR A 274 -10.03 2.71 8.37
C THR A 274 -9.92 1.97 9.70
N ALA A 275 -9.84 2.73 10.81
CA ALA A 275 -9.85 2.14 12.15
C ALA A 275 -11.25 1.61 12.45
N GLN A 276 -11.31 0.54 13.25
CA GLN A 276 -12.56 -0.09 13.70
C GLN A 276 -13.56 0.91 14.30
N LYS A 277 -13.05 1.83 15.11
CA LYS A 277 -13.88 2.86 15.77
C LYS A 277 -14.61 3.82 14.81
N GLU A 278 -14.05 4.03 13.61
CA GLU A 278 -14.67 4.89 12.61
C GLU A 278 -15.95 4.30 12.03
N LEU A 279 -15.98 2.97 11.92
CA LEU A 279 -17.15 2.27 11.38
C LEU A 279 -18.33 2.27 12.35
N GLU A 280 -18.04 2.52 13.62
CA GLU A 280 -19.07 2.63 14.67
C GLU A 280 -19.79 3.99 14.64
N LYS A 281 -19.16 4.99 14.01
CA LYS A 281 -19.68 6.37 13.94
C LYS A 281 -20.77 6.53 12.89
N THR A 282 -21.51 7.64 12.96
CA THR A 282 -22.48 8.00 11.92
C THR A 282 -21.79 8.49 10.64
N ARG A 283 -20.52 8.88 10.78
CA ARG A 283 -19.70 9.40 9.69
C ARG A 283 -18.24 9.12 9.98
N ILE A 284 -17.51 8.64 8.98
CA ILE A 284 -16.06 8.38 9.09
C ILE A 284 -15.29 9.70 8.94
N GLU A 285 -14.37 9.96 9.86
CA GLU A 285 -13.50 11.15 9.80
C GLU A 285 -12.08 10.87 9.37
N ASN A 286 -11.65 9.62 9.55
CA ASN A 286 -10.29 9.19 9.24
C ASN A 286 -10.33 7.96 8.36
N ILE A 287 -9.83 8.11 7.14
CA ILE A 287 -9.95 7.06 6.10
C ILE A 287 -8.82 7.16 5.09
N ARG A 288 -8.42 6.01 4.55
CA ARG A 288 -7.43 5.95 3.48
C ARG A 288 -8.08 5.30 2.28
N LEU A 289 -7.85 5.88 1.11
CA LEU A 289 -8.44 5.41 -0.15
C LEU A 289 -7.34 5.15 -1.16
N TYR A 290 -7.32 3.97 -1.76
CA TYR A 290 -6.21 3.54 -2.64
C TYR A 290 -6.77 3.09 -3.98
N TYR A 291 -6.25 3.68 -5.06
CA TYR A 291 -6.72 3.43 -6.43
C TYR A 291 -5.58 2.92 -7.29
N TYR A 292 -5.93 2.22 -8.37
CA TYR A 292 -4.97 1.42 -9.16
C TYR A 292 -5.11 1.58 -10.66
N LYS A 293 -3.97 1.51 -11.36
CA LYS A 293 -3.94 1.43 -12.82
C LYS A 293 -2.79 0.51 -13.21
N SER A 294 -3.02 -0.32 -14.23
CA SER A 294 -1.98 -1.24 -14.72
C SER A 294 -1.42 -0.76 -16.03
N PHE A 295 -0.16 -1.10 -16.28
CA PHE A 295 0.56 -0.66 -17.46
C PHE A 295 1.23 -1.89 -18.06
N LYS A 296 0.72 -2.34 -19.20
CA LYS A 296 1.17 -3.60 -19.82
C LYS A 296 1.52 -3.40 -21.29
N MET A 297 2.61 -4.03 -21.72
CA MET A 297 3.12 -3.92 -23.10
C MET A 297 2.16 -4.49 -24.15
#